data_7ZYA
#
_entry.id   7ZYA
#
_cell.length_a   65.611
_cell.length_b   66.909
_cell.length_c   75.317
_cell.angle_alpha   90.000
_cell.angle_beta   90.000
_cell.angle_gamma   90.000
#
_symmetry.space_group_name_H-M   'P 21 21 21'
#
loop_
_entity.id
_entity.type
_entity.pdbx_description
1 polymer 'Endochitinase 33'
2 non-polymer 2-AMINO-2-HYDROXYMETHYL-PROPANE-1,3-DIOL
3 non-polymer DI(HYDROXYETHYL)ETHER
4 non-polymer GLYCEROL
5 water water
#
_entity_poly.entity_id   1
_entity_poly.type   'polypeptide(L)'
_entity_poly.pdbx_seq_one_letter_code
;AGWNVNSKQNIAVYWGQNSANSQSTQQRLSFYCNDANINVIDIAFLNGITPPMTNFANAGDRCTPFSDNPWLLQCPEIEA
DIKTCQANGKTILLSLGGDSYTQGGWSSTGAAQSAADQVWAMFGPVQSGSSVHRPFGSAVVDGFDFDFEATTNNLAAFGA
QLKSRTNAAGGKKYYFSAAPQCFFPDAAVGALINAVPMDWIQIQFYNNPCGVSGFTPGTSTQNNYNYQTWENWAKTSPNP
NVKLLVGIPAGPGAGRGYVSGSQLTSVFQYSKGFSTFAGAMMWDMSQLYQNTGFETQVVNALR
;
_entity_poly.pdbx_strand_id   A
#
# COMPACT_ATOMS: atom_id res chain seq x y z
N ALA A 1 -9.75 -7.23 13.83
CA ALA A 1 -9.48 -5.81 14.21
C ALA A 1 -8.31 -5.25 13.39
N GLY A 2 -8.40 -5.32 12.07
CA GLY A 2 -7.48 -4.66 11.13
C GLY A 2 -6.08 -5.26 11.19
N TRP A 3 -5.09 -4.45 10.89
CA TRP A 3 -3.68 -4.90 10.96
C TRP A 3 -3.43 -5.53 12.32
N ASN A 4 -2.73 -6.66 12.32
CA ASN A 4 -2.40 -7.38 13.57
C ASN A 4 -0.92 -7.68 13.58
N VAL A 5 -0.18 -6.88 14.33
CA VAL A 5 1.29 -7.02 14.42
C VAL A 5 1.68 -8.41 14.97
N ASN A 6 0.76 -9.09 15.66
CA ASN A 6 1.06 -10.40 16.29
C ASN A 6 0.64 -11.55 15.38
N SER A 7 0.15 -11.26 14.18
CA SER A 7 -0.31 -12.32 13.24
C SER A 7 0.72 -12.51 12.13
N LYS A 8 0.86 -13.72 11.64
N LYS A 8 0.84 -13.72 11.63
CA LYS A 8 1.65 -14.00 10.41
CA LYS A 8 1.64 -14.00 10.42
C LYS A 8 0.70 -14.24 9.23
C LYS A 8 0.69 -14.24 9.23
N GLN A 9 -0.58 -13.85 9.37
CA GLN A 9 -1.60 -14.09 8.33
C GLN A 9 -2.26 -12.78 7.89
N ASN A 10 -1.63 -11.65 8.09
CA ASN A 10 -2.15 -10.39 7.53
C ASN A 10 -2.17 -10.50 6.00
N ILE A 11 -3.20 -9.92 5.39
CA ILE A 11 -3.23 -9.77 3.92
C ILE A 11 -3.63 -8.34 3.60
N ALA A 12 -2.72 -7.60 2.98
CA ALA A 12 -2.98 -6.26 2.46
C ALA A 12 -3.24 -6.33 0.96
N VAL A 13 -4.33 -5.74 0.51
CA VAL A 13 -4.68 -5.75 -0.93
C VAL A 13 -4.93 -4.33 -1.39
N TYR A 14 -4.36 -3.98 -2.54
CA TYR A 14 -4.66 -2.68 -3.18
C TYR A 14 -6.04 -2.72 -3.84
N TRP A 15 -6.77 -1.63 -3.71
CA TRP A 15 -8.03 -1.39 -4.43
C TRP A 15 -7.94 0.00 -5.07
N GLY A 16 -8.45 0.13 -6.30
CA GLY A 16 -8.70 1.44 -6.91
C GLY A 16 -8.26 1.53 -8.35
N GLN A 17 -7.21 0.85 -8.75
CA GLN A 17 -6.70 1.03 -10.12
C GLN A 17 -7.28 0.05 -11.14
N ASN A 18 -8.13 -0.87 -10.71
CA ASN A 18 -8.77 -1.83 -11.62
C ASN A 18 -7.75 -2.43 -12.57
N SER A 19 -6.72 -3.05 -12.03
CA SER A 19 -5.69 -3.71 -12.87
C SER A 19 -6.36 -4.68 -13.87
N ALA A 20 -7.39 -5.39 -13.48
CA ALA A 20 -8.03 -6.38 -14.39
C ALA A 20 -8.68 -5.67 -15.60
N ASN A 21 -9.07 -4.41 -15.47
CA ASN A 21 -9.34 -3.52 -16.63
CA ASN A 21 -9.34 -3.48 -16.63
C ASN A 21 -10.54 -3.98 -17.45
N SER A 22 -11.60 -4.42 -16.78
CA SER A 22 -12.91 -4.64 -17.43
CA SER A 22 -12.90 -4.60 -17.46
C SER A 22 -13.96 -3.75 -16.76
N GLN A 23 -15.08 -3.57 -17.43
CA GLN A 23 -16.17 -2.74 -16.93
C GLN A 23 -16.63 -3.19 -15.54
N SER A 24 -16.59 -4.49 -15.23
CA SER A 24 -17.22 -5.07 -14.01
CA SER A 24 -17.20 -4.96 -13.96
C SER A 24 -16.17 -5.58 -13.01
N THR A 25 -14.88 -5.47 -13.28
CA THR A 25 -13.90 -6.16 -12.40
C THR A 25 -13.57 -5.40 -11.12
N GLN A 26 -13.90 -4.12 -10.99
CA GLN A 26 -13.66 -3.42 -9.72
C GLN A 26 -14.99 -2.87 -9.22
N GLN A 27 -15.54 -3.54 -8.23
CA GLN A 27 -16.73 -3.04 -7.54
C GLN A 27 -16.30 -1.93 -6.58
N ARG A 28 -17.28 -1.27 -5.99
CA ARG A 28 -17.02 -0.26 -4.94
C ARG A 28 -16.20 -0.88 -3.80
N LEU A 29 -15.47 -0.05 -3.09
CA LEU A 29 -14.57 -0.52 -2.03
C LEU A 29 -15.30 -1.43 -1.04
N SER A 30 -16.49 -1.03 -0.59
CA SER A 30 -17.15 -1.78 0.50
C SER A 30 -17.61 -3.16 0.05
N PHE A 31 -17.68 -3.43 -1.24
CA PHE A 31 -18.00 -4.80 -1.68
C PHE A 31 -16.96 -5.78 -1.14
N TYR A 32 -15.74 -5.31 -0.94
CA TYR A 32 -14.58 -6.15 -0.57
C TYR A 32 -14.31 -6.09 0.94
N CYS A 33 -15.22 -5.52 1.73
CA CYS A 33 -15.01 -5.37 3.19
C CYS A 33 -15.82 -6.37 4.01
N ASN A 34 -16.27 -7.44 3.38
CA ASN A 34 -16.85 -8.62 4.06
C ASN A 34 -15.96 -9.84 3.85
N ASP A 35 -14.66 -9.63 3.71
CA ASP A 35 -13.71 -10.75 3.46
C ASP A 35 -12.90 -10.97 4.73
N ALA A 36 -13.16 -12.05 5.44
CA ALA A 36 -12.51 -12.30 6.74
C ALA A 36 -10.98 -12.38 6.57
N ASN A 37 -10.51 -12.67 5.37
CA ASN A 37 -9.07 -12.89 5.08
CA ASN A 37 -9.06 -12.87 5.18
C ASN A 37 -8.34 -11.59 4.74
N ILE A 38 -9.04 -10.57 4.30
CA ILE A 38 -8.39 -9.30 3.90
C ILE A 38 -8.64 -8.29 5.01
N ASN A 39 -7.59 -7.97 5.77
CA ASN A 39 -7.72 -7.08 6.93
C ASN A 39 -7.14 -5.70 6.68
N VAL A 40 -6.39 -5.52 5.59
CA VAL A 40 -5.81 -4.20 5.22
C VAL A 40 -6.13 -3.97 3.76
N ILE A 41 -6.66 -2.79 3.46
CA ILE A 41 -6.86 -2.39 2.05
C ILE A 41 -6.16 -1.05 1.83
N ASP A 42 -5.38 -0.97 0.76
CA ASP A 42 -4.70 0.27 0.36
C ASP A 42 -5.48 0.89 -0.79
N ILE A 43 -5.94 2.13 -0.63
CA ILE A 43 -6.65 2.84 -1.72
C ILE A 43 -5.62 3.46 -2.66
N ALA A 44 -5.67 3.06 -3.91
CA ALA A 44 -4.68 3.43 -4.94
C ALA A 44 -5.37 4.30 -6.00
N PHE A 45 -4.99 5.58 -6.21
CA PHE A 45 -3.85 6.27 -5.65
C PHE A 45 -4.14 7.76 -5.52
N LEU A 46 -3.43 8.38 -4.57
CA LEU A 46 -3.18 9.83 -4.63
C LEU A 46 -1.96 9.96 -5.56
N ASN A 47 -2.21 10.10 -6.86
CA ASN A 47 -1.14 10.02 -7.90
C ASN A 47 -0.51 11.39 -8.15
N GLY A 48 -1.01 12.44 -7.53
CA GLY A 48 -0.37 13.77 -7.53
C GLY A 48 -0.48 14.34 -6.14
N ILE A 49 0.54 15.04 -5.69
CA ILE A 49 0.54 15.61 -4.31
C ILE A 49 0.56 17.14 -4.41
N THR A 50 1.47 17.69 -5.21
N THR A 50 1.48 17.70 -5.18
CA THR A 50 1.66 19.15 -5.37
CA THR A 50 1.61 19.17 -5.36
C THR A 50 1.75 19.46 -6.86
C THR A 50 1.73 19.46 -6.85
N PRO A 51 0.62 19.71 -7.59
CA PRO A 51 -0.74 19.76 -7.02
C PRO A 51 -1.39 18.41 -6.81
N PRO A 52 -2.44 18.31 -5.95
CA PRO A 52 -3.02 17.01 -5.64
C PRO A 52 -3.85 16.45 -6.79
N MET A 53 -3.80 15.13 -6.93
CA MET A 53 -4.51 14.41 -8.01
C MET A 53 -4.93 13.05 -7.47
N THR A 54 -6.14 12.64 -7.75
CA THR A 54 -6.63 11.30 -7.34
C THR A 54 -7.10 10.54 -8.56
N ASN A 55 -6.76 9.26 -8.64
CA ASN A 55 -7.25 8.39 -9.71
C ASN A 55 -7.72 7.09 -9.05
N PHE A 56 -8.96 6.74 -9.30
CA PHE A 56 -9.55 5.46 -8.78
C PHE A 56 -10.21 4.70 -9.93
N ALA A 57 -9.57 4.76 -11.10
CA ALA A 57 -10.10 4.09 -12.32
C ALA A 57 -11.58 4.43 -12.46
N ASN A 58 -12.43 3.45 -12.73
CA ASN A 58 -13.85 3.73 -13.01
C ASN A 58 -14.63 4.01 -11.72
N ALA A 59 -14.04 3.91 -10.53
CA ALA A 59 -14.72 4.42 -9.33
C ALA A 59 -14.89 5.94 -9.49
N GLY A 60 -14.03 6.60 -10.27
CA GLY A 60 -14.15 8.03 -10.56
C GLY A 60 -15.49 8.39 -11.17
N ASP A 61 -16.18 7.44 -11.78
CA ASP A 61 -17.50 7.72 -12.41
C ASP A 61 -18.50 8.17 -11.34
N ARG A 62 -18.30 7.81 -10.07
CA ARG A 62 -19.24 8.18 -8.98
C ARG A 62 -18.67 9.31 -8.15
N CYS A 63 -17.68 10.00 -8.69
CA CYS A 63 -17.07 11.17 -8.04
C CYS A 63 -17.36 12.40 -8.90
N THR A 64 -17.11 13.57 -8.33
CA THR A 64 -17.20 14.87 -9.06
C THR A 64 -15.87 15.59 -8.87
N PRO A 65 -15.23 16.09 -9.93
CA PRO A 65 -14.01 16.87 -9.74
C PRO A 65 -14.31 18.15 -8.94
N PHE A 66 -13.35 18.58 -8.13
CA PHE A 66 -13.42 19.89 -7.45
C PHE A 66 -13.29 21.00 -8.51
N SER A 67 -14.08 22.06 -8.37
CA SER A 67 -14.23 23.15 -9.38
C SER A 67 -12.86 23.76 -9.76
N ASP A 68 -11.94 23.89 -8.80
CA ASP A 68 -10.65 24.60 -9.04
C ASP A 68 -9.49 23.60 -9.22
N ASN A 69 -9.77 22.30 -9.29
CA ASN A 69 -8.74 21.27 -9.52
C ASN A 69 -9.42 20.06 -10.14
N PRO A 70 -9.56 20.03 -11.48
CA PRO A 70 -10.24 18.95 -12.19
C PRO A 70 -9.65 17.55 -12.02
N TRP A 71 -8.42 17.45 -11.50
CA TRP A 71 -7.74 16.15 -11.30
C TRP A 71 -7.91 15.66 -9.87
N LEU A 72 -8.58 16.43 -9.02
CA LEU A 72 -8.87 16.01 -7.64
C LEU A 72 -10.36 15.72 -7.53
N LEU A 73 -10.71 14.54 -7.02
CA LEU A 73 -12.10 14.07 -7.05
C LEU A 73 -12.73 14.15 -5.67
N GLN A 74 -13.99 14.50 -5.65
CA GLN A 74 -14.85 14.41 -4.45
C GLN A 74 -15.67 13.14 -4.59
N CYS A 75 -15.49 12.21 -3.67
CA CYS A 75 -15.92 10.79 -3.83
C CYS A 75 -16.79 10.35 -2.66
N PRO A 76 -18.10 10.68 -2.66
CA PRO A 76 -18.94 10.35 -1.51
C PRO A 76 -19.13 8.84 -1.29
N GLU A 77 -19.07 8.05 -2.36
CA GLU A 77 -19.23 6.58 -2.20
C GLU A 77 -17.96 6.01 -1.53
N ILE A 78 -16.78 6.48 -1.93
CA ILE A 78 -15.52 6.00 -1.27
C ILE A 78 -15.56 6.47 0.18
N GLU A 79 -15.98 7.70 0.43
CA GLU A 79 -16.12 8.20 1.81
C GLU A 79 -16.98 7.24 2.63
N ALA A 80 -18.17 6.93 2.14
CA ALA A 80 -19.09 6.05 2.89
C ALA A 80 -18.43 4.69 3.09
N ASP A 81 -17.78 4.20 2.04
CA ASP A 81 -17.20 2.84 2.08
C ASP A 81 -16.00 2.76 3.04
N ILE A 82 -15.22 3.81 3.15
CA ILE A 82 -14.11 3.79 4.14
C ILE A 82 -14.71 3.60 5.52
N LYS A 83 -15.76 4.36 5.82
CA LYS A 83 -16.42 4.28 7.15
C LYS A 83 -17.01 2.88 7.35
N THR A 84 -17.66 2.33 6.33
CA THR A 84 -18.23 0.99 6.45
C THR A 84 -17.12 -0.04 6.71
N CYS A 85 -16.07 0.02 5.90
CA CYS A 85 -14.97 -0.93 6.02
C CYS A 85 -14.33 -0.85 7.41
N GLN A 86 -14.15 0.36 7.95
CA GLN A 86 -13.55 0.53 9.28
C GLN A 86 -14.51 -0.05 10.34
N ALA A 87 -15.80 0.16 10.19
CA ALA A 87 -16.79 -0.41 11.13
C ALA A 87 -16.70 -1.93 11.08
N ASN A 88 -16.35 -2.48 9.93
CA ASN A 88 -16.26 -3.95 9.72
C ASN A 88 -14.90 -4.50 10.19
N GLY A 89 -14.04 -3.66 10.74
CA GLY A 89 -12.77 -4.10 11.31
C GLY A 89 -11.64 -4.17 10.28
N LYS A 90 -11.68 -3.34 9.25
CA LYS A 90 -10.59 -3.30 8.25
C LYS A 90 -9.76 -2.04 8.45
N THR A 91 -8.45 -2.17 8.27
CA THR A 91 -7.52 -1.02 8.24
C THR A 91 -7.48 -0.49 6.80
N ILE A 92 -7.80 0.79 6.62
CA ILE A 92 -7.86 1.39 5.25
C ILE A 92 -6.79 2.47 5.18
N LEU A 93 -5.77 2.23 4.35
CA LEU A 93 -4.71 3.24 4.14
C LEU A 93 -4.90 3.92 2.80
N LEU A 94 -4.40 5.14 2.67
CA LEU A 94 -4.28 5.77 1.35
C LEU A 94 -2.90 5.49 0.80
N SER A 95 -2.83 4.99 -0.42
CA SER A 95 -1.53 4.79 -1.10
C SER A 95 -1.15 6.03 -1.89
N LEU A 96 0.04 6.50 -1.58
CA LEU A 96 0.65 7.72 -2.15
C LEU A 96 1.55 7.35 -3.32
N GLY A 97 1.39 8.08 -4.41
CA GLY A 97 2.26 7.97 -5.59
C GLY A 97 1.69 7.00 -6.60
N GLY A 98 2.25 5.80 -6.61
CA GLY A 98 1.87 4.81 -7.62
C GLY A 98 2.66 4.98 -8.90
N ASP A 99 2.45 4.09 -9.86
CA ASP A 99 3.31 4.07 -11.07
C ASP A 99 3.02 5.26 -11.99
N SER A 100 1.93 6.00 -11.77
N SER A 100 1.92 6.01 -11.77
CA SER A 100 1.56 7.18 -12.62
CA SER A 100 1.56 7.18 -12.62
C SER A 100 1.92 8.51 -11.93
C SER A 100 1.92 8.51 -11.92
N TYR A 101 2.63 8.47 -10.79
CA TYR A 101 3.11 9.69 -10.12
C TYR A 101 4.33 10.21 -10.91
N THR A 102 4.25 11.45 -11.39
CA THR A 102 5.27 12.01 -12.32
C THR A 102 5.85 13.30 -11.76
N GLN A 103 5.48 13.73 -10.56
CA GLN A 103 5.84 15.09 -10.07
C GLN A 103 7.27 15.16 -9.53
N GLY A 104 7.92 14.02 -9.25
CA GLY A 104 9.35 13.99 -8.92
C GLY A 104 9.69 14.52 -7.53
N GLY A 105 8.70 14.66 -6.65
CA GLY A 105 8.97 15.11 -5.27
C GLY A 105 9.17 16.60 -5.17
N TRP A 106 10.02 17.04 -4.23
CA TRP A 106 10.10 18.45 -3.81
C TRP A 106 11.55 18.93 -3.80
N SER A 107 11.73 20.20 -4.20
CA SER A 107 13.06 20.83 -4.40
CA SER A 107 13.08 20.80 -4.39
C SER A 107 13.72 21.18 -3.06
N SER A 108 12.95 21.23 -1.99
CA SER A 108 13.48 21.59 -0.66
C SER A 108 12.79 20.77 0.41
N THR A 109 13.41 20.69 1.58
CA THR A 109 12.79 20.03 2.75
C THR A 109 11.53 20.82 3.14
N GLY A 110 11.57 22.15 3.05
CA GLY A 110 10.41 22.98 3.43
C GLY A 110 9.21 22.70 2.54
N ALA A 111 9.42 22.60 1.23
CA ALA A 111 8.32 22.31 0.29
C ALA A 111 7.77 20.91 0.58
N ALA A 112 8.62 19.93 0.89
CA ALA A 112 8.20 18.56 1.21
C ALA A 112 7.36 18.57 2.51
N GLN A 113 7.79 19.35 3.50
CA GLN A 113 7.07 19.44 4.79
C GLN A 113 5.69 20.06 4.56
N SER A 114 5.61 21.13 3.77
CA SER A 114 4.31 21.77 3.44
CA SER A 114 4.31 21.77 3.43
C SER A 114 3.38 20.77 2.70
N ALA A 115 3.95 20.00 1.80
CA ALA A 115 3.14 19.01 1.05
C ALA A 115 2.59 17.95 2.02
N ALA A 116 3.41 17.50 2.95
CA ALA A 116 2.96 16.50 3.95
C ALA A 116 1.81 17.08 4.77
N ASP A 117 1.93 18.33 5.19
CA ASP A 117 0.86 18.96 6.01
C ASP A 117 -0.42 19.06 5.20
N GLN A 118 -0.32 19.32 3.90
CA GLN A 118 -1.51 19.39 3.03
C GLN A 118 -2.17 18.00 2.93
N VAL A 119 -1.37 16.95 2.74
CA VAL A 119 -1.93 15.56 2.63
C VAL A 119 -2.63 15.23 3.96
N TRP A 120 -2.01 15.59 5.07
CA TRP A 120 -2.61 15.32 6.40
C TRP A 120 -3.94 16.06 6.55
N ALA A 121 -4.01 17.32 6.13
CA ALA A 121 -5.26 18.12 6.21
C ALA A 121 -6.32 17.57 5.26
N MET A 122 -5.90 16.98 4.13
CA MET A 122 -6.87 16.48 3.12
CA MET A 122 -6.88 16.49 3.12
C MET A 122 -7.44 15.12 3.51
N PHE A 123 -6.66 14.29 4.18
CA PHE A 123 -7.04 12.86 4.36
C PHE A 123 -7.06 12.40 5.81
N GLY A 124 -6.34 13.08 6.68
CA GLY A 124 -6.42 12.78 8.12
C GLY A 124 -7.65 13.41 8.74
N PRO A 125 -7.64 13.65 10.07
CA PRO A 125 -8.79 14.28 10.72
C PRO A 125 -9.21 15.57 10.00
N VAL A 126 -10.50 15.81 9.97
CA VAL A 126 -11.03 17.08 9.43
C VAL A 126 -10.50 18.23 10.29
N GLN A 127 -9.92 19.24 9.65
CA GLN A 127 -9.40 20.44 10.36
C GLN A 127 -10.40 21.58 10.21
N SER A 128 -11.05 21.97 11.31
CA SER A 128 -12.10 23.02 11.27
C SER A 128 -11.54 24.35 10.73
N GLY A 129 -10.26 24.63 10.93
CA GLY A 129 -9.65 25.88 10.41
C GLY A 129 -8.99 25.72 9.06
N SER A 130 -9.40 24.75 8.22
CA SER A 130 -8.71 24.50 6.92
C SER A 130 -9.66 24.67 5.74
N SER A 131 -9.16 25.23 4.65
CA SER A 131 -9.90 25.37 3.37
C SER A 131 -9.54 24.23 2.42
N VAL A 132 -8.69 23.27 2.82
CA VAL A 132 -8.25 22.23 1.84
C VAL A 132 -9.46 21.37 1.46
N HIS A 133 -9.45 20.94 0.21
CA HIS A 133 -10.46 20.00 -0.31
C HIS A 133 -10.26 18.62 0.30
N ARG A 134 -11.34 17.93 0.59
CA ARG A 134 -11.28 16.57 1.18
C ARG A 134 -11.98 15.59 0.26
N PRO A 135 -11.22 14.81 -0.53
CA PRO A 135 -11.83 13.84 -1.43
C PRO A 135 -12.81 12.89 -0.73
N PHE A 136 -12.49 12.49 0.50
CA PHE A 136 -13.32 11.51 1.22
C PHE A 136 -14.11 12.17 2.35
N GLY A 137 -14.36 13.48 2.26
CA GLY A 137 -15.28 14.14 3.21
C GLY A 137 -14.86 13.92 4.64
N SER A 138 -15.77 13.44 5.48
CA SER A 138 -15.49 13.26 6.93
C SER A 138 -14.89 11.88 7.21
N ALA A 139 -14.68 11.03 6.21
CA ALA A 139 -13.90 9.80 6.45
C ALA A 139 -12.45 10.19 6.76
N VAL A 140 -11.81 9.39 7.59
CA VAL A 140 -10.41 9.62 7.99
C VAL A 140 -9.65 8.32 7.74
N VAL A 141 -8.60 8.37 6.92
CA VAL A 141 -7.84 7.13 6.64
C VAL A 141 -7.18 6.64 7.90
N ASP A 142 -6.76 5.38 7.89
CA ASP A 142 -6.02 4.78 9.02
C ASP A 142 -4.51 4.91 8.85
N GLY A 143 -4.06 5.63 7.84
CA GLY A 143 -2.63 5.85 7.61
C GLY A 143 -2.33 5.86 6.13
N PHE A 144 -1.07 5.66 5.83
CA PHE A 144 -0.52 5.95 4.49
C PHE A 144 0.44 4.85 4.07
N ASP A 145 0.32 4.47 2.80
CA ASP A 145 1.24 3.54 2.12
C ASP A 145 2.07 4.35 1.12
N PHE A 146 3.37 4.20 1.18
CA PHE A 146 4.29 4.95 0.29
C PHE A 146 4.68 4.05 -0.88
N ASP A 147 4.09 4.29 -2.03
CA ASP A 147 4.31 3.46 -3.24
C ASP A 147 4.90 4.35 -4.33
N PHE A 148 6.00 5.01 -4.03
CA PHE A 148 6.72 5.81 -5.04
C PHE A 148 7.64 4.86 -5.81
N GLU A 149 7.73 5.00 -7.14
CA GLU A 149 8.47 4.04 -8.00
C GLU A 149 9.43 4.75 -8.96
N ALA A 150 9.63 6.04 -8.77
CA ALA A 150 10.61 6.83 -9.52
C ALA A 150 11.28 7.77 -8.53
N THR A 151 12.33 8.45 -8.95
CA THR A 151 13.06 9.35 -8.02
CA THR A 151 13.06 9.40 -8.08
C THR A 151 12.08 10.43 -7.54
N THR A 152 12.04 10.59 -6.23
CA THR A 152 11.10 11.48 -5.52
C THR A 152 11.93 12.31 -4.56
N ASN A 153 12.32 13.49 -5.02
CA ASN A 153 13.26 14.33 -4.24
C ASN A 153 12.61 14.69 -2.90
N ASN A 154 13.41 14.55 -1.85
CA ASN A 154 13.01 14.94 -0.47
C ASN A 154 11.79 14.15 0.01
N LEU A 155 11.64 12.91 -0.47
CA LEU A 155 10.57 12.03 0.06
C LEU A 155 10.82 11.77 1.54
N ALA A 156 12.06 11.68 1.99
CA ALA A 156 12.35 11.43 3.41
C ALA A 156 11.78 12.57 4.25
N ALA A 157 11.95 13.82 3.84
CA ALA A 157 11.46 14.97 4.61
C ALA A 157 9.92 14.98 4.61
N PHE A 158 9.32 14.63 3.48
CA PHE A 158 7.85 14.53 3.36
C PHE A 158 7.35 13.47 4.36
N GLY A 159 7.97 12.29 4.33
CA GLY A 159 7.57 11.17 5.20
C GLY A 159 7.72 11.51 6.66
N ALA A 160 8.84 12.15 7.02
CA ALA A 160 9.11 12.53 8.42
C ALA A 160 8.06 13.54 8.90
N GLN A 161 7.67 14.50 8.08
CA GLN A 161 6.66 15.49 8.50
C GLN A 161 5.32 14.79 8.68
N LEU A 162 4.92 13.93 7.74
CA LEU A 162 3.62 13.24 7.86
C LEU A 162 3.65 12.35 9.11
N LYS A 163 4.76 11.68 9.38
CA LYS A 163 4.89 10.81 10.57
C LYS A 163 4.82 11.65 11.85
N SER A 164 5.36 12.86 11.83
CA SER A 164 5.27 13.80 12.98
CA SER A 164 5.27 13.73 13.03
C SER A 164 3.80 14.06 13.30
N ARG A 165 3.00 14.28 12.28
N ARG A 165 3.00 14.28 12.27
CA ARG A 165 1.56 14.60 12.46
CA ARG A 165 1.56 14.60 12.45
C ARG A 165 0.83 13.37 12.98
C ARG A 165 0.83 13.37 12.98
N THR A 166 1.09 12.18 12.44
CA THR A 166 0.40 10.96 12.91
C THR A 166 0.86 10.64 14.33
N ASN A 167 2.13 10.83 14.65
CA ASN A 167 2.63 10.53 16.00
C ASN A 167 1.99 11.46 17.04
N ALA A 168 1.64 12.67 16.65
CA ALA A 168 1.05 13.66 17.56
C ALA A 168 -0.46 13.46 17.72
N ALA A 169 -1.08 12.63 16.90
CA ALA A 169 -2.55 12.59 16.79
C ALA A 169 -3.17 11.76 17.92
N GLY A 170 -4.36 12.21 18.34
CA GLY A 170 -5.24 11.39 19.17
C GLY A 170 -6.18 10.56 18.34
N GLY A 171 -7.22 10.04 18.98
CA GLY A 171 -8.33 9.35 18.32
C GLY A 171 -8.04 7.88 18.11
N LYS A 172 -7.07 7.56 17.25
CA LYS A 172 -6.81 6.17 16.83
C LYS A 172 -5.34 6.05 16.40
N LYS A 173 -4.90 4.82 16.22
CA LYS A 173 -3.57 4.55 15.66
C LYS A 173 -3.57 4.84 14.16
N TYR A 174 -2.54 5.50 13.70
CA TYR A 174 -2.28 5.69 12.26
C TYR A 174 -1.07 4.83 11.88
N TYR A 175 -1.17 4.12 10.77
CA TYR A 175 -0.10 3.22 10.31
C TYR A 175 0.64 3.78 9.11
N PHE A 176 1.90 3.38 9.00
CA PHE A 176 2.76 3.73 7.86
C PHE A 176 3.26 2.43 7.24
N SER A 177 3.05 2.28 5.93
CA SER A 177 3.70 1.18 5.17
C SER A 177 4.43 1.76 3.99
N ALA A 178 5.37 0.99 3.45
CA ALA A 178 6.04 1.36 2.19
C ALA A 178 6.05 0.14 1.29
N ALA A 179 6.09 0.36 -0.01
CA ALA A 179 5.98 -0.72 -1.00
C ALA A 179 7.16 -0.65 -1.96
N PRO A 180 8.40 -0.86 -1.47
CA PRO A 180 9.54 -0.92 -2.37
C PRO A 180 9.39 -2.12 -3.31
N GLN A 181 10.07 -2.05 -4.45
CA GLN A 181 10.31 -3.27 -5.24
C GLN A 181 11.40 -4.09 -4.56
N CYS A 182 11.49 -5.37 -4.92
CA CYS A 182 12.37 -6.29 -4.17
C CYS A 182 13.85 -6.02 -4.47
N PHE A 183 14.17 -5.39 -5.59
CA PHE A 183 15.58 -5.10 -5.91
C PHE A 183 16.14 -4.26 -4.76
N PHE A 184 17.26 -4.68 -4.21
CA PHE A 184 17.84 -4.08 -2.99
C PHE A 184 19.18 -3.44 -3.32
N PRO A 185 19.42 -2.16 -2.96
CA PRO A 185 18.44 -1.30 -2.30
C PRO A 185 17.43 -0.70 -3.27
N ASP A 186 16.30 -0.22 -2.76
CA ASP A 186 15.23 0.37 -3.61
C ASP A 186 15.59 1.83 -3.90
N ALA A 187 15.63 2.20 -5.18
CA ALA A 187 16.06 3.56 -5.61
C ALA A 187 15.04 4.60 -5.17
N ALA A 188 13.75 4.29 -5.27
CA ALA A 188 12.66 5.28 -5.10
C ALA A 188 12.41 5.57 -3.63
N VAL A 189 12.22 4.54 -2.80
CA VAL A 189 11.81 4.74 -1.38
C VAL A 189 12.98 4.40 -0.43
N GLY A 190 14.16 4.05 -0.94
CA GLY A 190 15.30 3.71 -0.07
C GLY A 190 15.62 4.77 0.96
N ALA A 191 15.74 6.03 0.55
CA ALA A 191 16.08 7.12 1.49
C ALA A 191 14.95 7.27 2.51
N LEU A 192 13.71 7.20 2.06
CA LEU A 192 12.54 7.29 2.98
C LEU A 192 12.66 6.19 4.04
N ILE A 193 12.83 4.93 3.63
CA ILE A 193 12.68 3.83 4.62
C ILE A 193 13.95 3.70 5.46
N ASN A 194 15.05 4.35 5.06
CA ASN A 194 16.27 4.41 5.90
C ASN A 194 16.17 5.57 6.89
N ALA A 195 15.20 6.47 6.74
CA ALA A 195 15.07 7.67 7.61
C ALA A 195 13.84 7.61 8.52
N VAL A 196 12.72 7.06 8.03
CA VAL A 196 11.40 7.21 8.70
C VAL A 196 10.93 5.82 9.12
N PRO A 197 10.60 5.61 10.41
CA PRO A 197 10.06 4.34 10.85
C PRO A 197 8.76 3.98 10.12
N MET A 198 8.66 2.71 9.73
CA MET A 198 7.43 2.14 9.13
C MET A 198 6.87 1.10 10.11
N ASP A 199 5.56 0.87 10.04
CA ASP A 199 4.93 -0.25 10.79
CA ASP A 199 4.92 -0.27 10.77
C ASP A 199 5.20 -1.57 10.02
N TRP A 200 5.08 -1.54 8.70
CA TRP A 200 5.46 -2.70 7.89
C TRP A 200 5.91 -2.24 6.52
N ILE A 201 6.65 -3.10 5.87
CA ILE A 201 7.09 -2.85 4.47
C ILE A 201 6.54 -4.00 3.64
N GLN A 202 5.72 -3.69 2.64
CA GLN A 202 5.09 -4.68 1.76
C GLN A 202 5.86 -4.70 0.45
N ILE A 203 6.78 -5.63 0.37
CA ILE A 203 7.78 -5.65 -0.74
C ILE A 203 7.12 -6.23 -1.98
N GLN A 204 7.34 -5.59 -3.13
CA GLN A 204 6.82 -6.11 -4.40
C GLN A 204 7.80 -7.17 -4.91
N PHE A 205 7.54 -8.43 -4.58
CA PHE A 205 8.39 -9.55 -5.02
C PHE A 205 7.92 -10.03 -6.39
N TYR A 206 7.96 -9.13 -7.36
CA TYR A 206 7.51 -9.37 -8.75
C TYR A 206 8.06 -8.23 -9.62
N ASN A 207 7.98 -8.43 -10.94
CA ASN A 207 8.55 -7.50 -11.96
C ASN A 207 10.07 -7.39 -11.80
N ASN A 208 10.73 -8.36 -11.18
CA ASN A 208 12.17 -8.29 -10.88
C ASN A 208 12.71 -9.70 -10.66
N PRO A 209 14.01 -9.97 -10.92
CA PRO A 209 14.54 -11.32 -10.76
C PRO A 209 14.54 -11.83 -9.31
N CYS A 210 14.46 -10.92 -8.34
CA CYS A 210 14.39 -11.24 -6.89
C CYS A 210 12.99 -11.62 -6.44
N GLY A 211 12.03 -11.68 -7.34
CA GLY A 211 10.64 -11.92 -6.95
C GLY A 211 10.36 -13.36 -6.54
N VAL A 212 9.13 -13.62 -6.15
CA VAL A 212 8.71 -14.99 -5.76
C VAL A 212 8.86 -15.97 -6.92
N SER A 213 8.81 -15.51 -8.17
CA SER A 213 9.02 -16.41 -9.32
C SER A 213 10.45 -16.97 -9.34
N GLY A 214 11.40 -16.28 -8.70
CA GLY A 214 12.80 -16.71 -8.64
C GLY A 214 13.10 -17.63 -7.46
N PHE A 215 12.14 -17.83 -6.55
CA PHE A 215 12.30 -18.76 -5.42
C PHE A 215 12.48 -20.18 -5.95
N THR A 216 13.38 -20.91 -5.30
CA THR A 216 13.70 -22.31 -5.63
C THR A 216 13.10 -23.23 -4.57
N PRO A 217 11.96 -23.90 -4.84
CA PRO A 217 11.40 -24.79 -3.82
C PRO A 217 12.32 -25.95 -3.48
N GLY A 218 12.19 -26.41 -2.24
CA GLY A 218 12.91 -27.63 -1.84
C GLY A 218 14.21 -27.37 -1.15
N THR A 219 14.62 -26.12 -1.05
CA THR A 219 15.89 -25.74 -0.42
C THR A 219 15.71 -24.40 0.27
N SER A 220 16.52 -24.13 1.26
CA SER A 220 16.49 -22.81 1.94
C SER A 220 17.71 -21.99 1.53
N THR A 221 18.48 -22.46 0.55
CA THR A 221 19.53 -21.66 -0.13
C THR A 221 18.91 -20.99 -1.35
N GLN A 222 18.77 -19.68 -1.29
CA GLN A 222 18.00 -18.91 -2.30
C GLN A 222 18.94 -17.89 -2.94
N ASN A 223 19.24 -18.11 -4.20
CA ASN A 223 20.18 -17.24 -4.95
C ASN A 223 19.48 -16.03 -5.55
N ASN A 224 18.16 -16.08 -5.74
CA ASN A 224 17.42 -14.99 -6.43
C ASN A 224 16.46 -14.30 -5.46
N TYR A 225 15.56 -15.06 -4.85
CA TYR A 225 14.55 -14.50 -3.92
C TYR A 225 15.25 -13.99 -2.68
N ASN A 226 15.09 -12.70 -2.40
CA ASN A 226 16.00 -12.01 -1.46
C ASN A 226 15.29 -11.53 -0.20
N TYR A 227 14.29 -12.26 0.27
CA TYR A 227 13.65 -11.97 1.58
C TYR A 227 14.74 -11.80 2.66
N GLN A 228 15.71 -12.71 2.70
CA GLN A 228 16.74 -12.69 3.78
C GLN A 228 17.46 -11.34 3.80
N THR A 229 17.77 -10.80 2.63
CA THR A 229 18.45 -9.48 2.54
C THR A 229 17.57 -8.40 3.19
N TRP A 230 16.28 -8.44 2.87
CA TRP A 230 15.31 -7.47 3.44
C TRP A 230 15.18 -7.67 4.95
N GLU A 231 15.15 -8.90 5.45
CA GLU A 231 15.04 -9.08 6.92
C GLU A 231 16.29 -8.50 7.58
N ASN A 232 17.47 -8.78 7.04
CA ASN A 232 18.73 -8.31 7.66
C ASN A 232 18.70 -6.78 7.74
N TRP A 233 18.22 -6.14 6.69
CA TRP A 233 18.12 -4.68 6.65
C TRP A 233 17.07 -4.19 7.66
N ALA A 234 15.93 -4.87 7.75
CA ALA A 234 14.79 -4.46 8.61
C ALA A 234 15.24 -4.36 10.06
N LYS A 235 16.08 -5.28 10.52
CA LYS A 235 16.43 -5.37 11.95
C LYS A 235 17.25 -4.15 12.40
N THR A 236 17.86 -3.38 11.49
CA THR A 236 18.61 -2.16 11.91
C THR A 236 17.96 -0.92 11.31
N SER A 237 16.73 -1.04 10.80
CA SER A 237 16.01 0.10 10.20
C SER A 237 15.47 1.01 11.30
N PRO A 238 14.92 2.19 10.95
CA PRO A 238 14.48 3.13 11.98
C PRO A 238 13.47 2.54 12.97
N ASN A 239 12.61 1.62 12.53
CA ASN A 239 11.81 0.76 13.44
C ASN A 239 12.43 -0.62 13.35
N PRO A 240 13.32 -1.02 14.29
CA PRO A 240 14.00 -2.30 14.18
C PRO A 240 13.00 -3.47 14.31
N ASN A 241 11.77 -3.19 14.75
CA ASN A 241 10.74 -4.24 14.88
C ASN A 241 9.80 -4.25 13.66
N VAL A 242 10.12 -3.52 12.61
CA VAL A 242 9.23 -3.44 11.41
C VAL A 242 8.95 -4.85 10.88
N LYS A 243 7.71 -5.05 10.43
CA LYS A 243 7.33 -6.33 9.80
C LYS A 243 7.43 -6.24 8.29
N LEU A 244 7.51 -7.40 7.65
CA LEU A 244 7.54 -7.50 6.18
C LEU A 244 6.35 -8.31 5.70
N LEU A 245 5.73 -7.83 4.62
CA LEU A 245 4.73 -8.62 3.86
C LEU A 245 5.35 -9.00 2.53
N VAL A 246 5.06 -10.21 2.09
CA VAL A 246 5.50 -10.71 0.76
C VAL A 246 4.44 -10.32 -0.27
N GLY A 247 4.76 -9.32 -1.10
CA GLY A 247 3.83 -8.84 -2.13
C GLY A 247 3.93 -9.65 -3.41
N ILE A 248 2.79 -10.05 -3.93
CA ILE A 248 2.70 -10.91 -5.14
C ILE A 248 1.64 -10.36 -6.08
N PRO A 249 1.74 -10.71 -7.39
CA PRO A 249 0.66 -10.43 -8.32
C PRO A 249 -0.54 -11.34 -8.04
N ALA A 250 -1.75 -10.82 -8.14
CA ALA A 250 -2.96 -11.62 -7.84
C ALA A 250 -3.49 -12.33 -9.09
N GLY A 251 -2.86 -12.12 -10.23
CA GLY A 251 -3.21 -12.84 -11.46
C GLY A 251 -2.07 -12.66 -12.46
N PRO A 252 -2.02 -13.50 -13.52
CA PRO A 252 -0.94 -13.42 -14.50
C PRO A 252 -0.90 -12.07 -15.24
N GLY A 253 -2.03 -11.36 -15.28
CA GLY A 253 -2.12 -10.03 -15.90
C GLY A 253 -1.74 -8.91 -14.95
N ALA A 254 -1.44 -9.20 -13.69
CA ALA A 254 -1.24 -8.14 -12.67
C ALA A 254 0.20 -7.69 -12.62
N GLY A 255 1.13 -8.47 -13.14
CA GLY A 255 2.55 -8.15 -13.12
C GLY A 255 3.34 -9.33 -13.59
N ARG A 256 4.60 -9.14 -13.93
CA ARG A 256 5.48 -10.25 -14.31
C ARG A 256 5.88 -11.03 -13.07
N GLY A 257 5.92 -12.35 -13.17
CA GLY A 257 6.33 -13.21 -12.05
C GLY A 257 5.17 -13.67 -11.18
N TYR A 258 3.97 -13.78 -11.73
CA TYR A 258 2.84 -14.42 -11.03
C TYR A 258 3.23 -15.86 -10.70
N VAL A 259 2.89 -16.31 -9.50
CA VAL A 259 3.08 -17.72 -9.11
C VAL A 259 1.79 -18.26 -8.51
N SER A 260 1.64 -19.57 -8.56
CA SER A 260 0.48 -20.28 -8.00
C SER A 260 0.91 -21.68 -7.62
N GLY A 261 -0.03 -22.47 -7.15
CA GLY A 261 0.26 -23.89 -6.86
C GLY A 261 1.38 -24.09 -5.86
N SER A 262 2.22 -25.08 -6.12
CA SER A 262 3.29 -25.47 -5.16
C SER A 262 4.36 -24.38 -5.06
N GLN A 263 4.62 -23.64 -6.13
CA GLN A 263 5.60 -22.53 -6.06
C GLN A 263 5.13 -21.52 -5.00
N LEU A 264 3.85 -21.16 -5.05
CA LEU A 264 3.26 -20.18 -4.12
CA LEU A 264 3.24 -20.19 -4.12
C LEU A 264 3.32 -20.74 -2.69
N THR A 265 2.87 -21.98 -2.46
N THR A 265 2.89 -21.98 -2.51
CA THR A 265 2.86 -22.52 -1.08
CA THR A 265 2.86 -22.55 -1.14
C THR A 265 4.29 -22.55 -0.54
C THR A 265 4.27 -22.55 -0.58
N SER A 266 5.23 -23.01 -1.37
CA SER A 266 6.63 -23.19 -0.92
C SER A 266 7.28 -21.86 -0.58
N VAL A 267 7.10 -20.83 -1.41
CA VAL A 267 7.78 -19.54 -1.10
C VAL A 267 7.19 -18.97 0.19
N PHE A 268 5.90 -19.15 0.42
CA PHE A 268 5.29 -18.65 1.68
C PHE A 268 5.80 -19.48 2.87
N GLN A 269 5.95 -20.80 2.73
CA GLN A 269 6.45 -21.62 3.87
CA GLN A 269 6.43 -21.58 3.90
C GLN A 269 7.88 -21.20 4.22
N TYR A 270 8.70 -20.94 3.22
CA TYR A 270 10.08 -20.44 3.45
C TYR A 270 10.03 -19.09 4.16
N SER A 271 9.20 -18.19 3.66
CA SER A 271 9.15 -16.81 4.19
C SER A 271 8.64 -16.82 5.64
N LYS A 272 7.70 -17.70 5.94
CA LYS A 272 7.11 -17.84 7.30
C LYS A 272 8.17 -18.22 8.33
N GLY A 273 9.29 -18.78 7.90
CA GLY A 273 10.36 -19.17 8.83
C GLY A 273 11.07 -17.96 9.43
N PHE A 274 10.86 -16.76 8.89
CA PHE A 274 11.57 -15.53 9.35
C PHE A 274 10.74 -14.78 10.38
N SER A 275 11.43 -14.21 11.36
CA SER A 275 10.78 -13.51 12.49
C SER A 275 10.09 -12.22 12.02
N THR A 276 10.51 -11.62 10.91
CA THR A 276 9.87 -10.37 10.42
C THR A 276 8.58 -10.66 9.65
N PHE A 277 8.34 -11.88 9.24
CA PHE A 277 7.26 -12.18 8.29
C PHE A 277 5.90 -11.96 8.96
N ALA A 278 5.01 -11.20 8.31
CA ALA A 278 3.68 -10.91 8.89
C ALA A 278 2.54 -11.24 7.92
N GLY A 279 2.82 -11.76 6.73
CA GLY A 279 1.76 -12.12 5.79
C GLY A 279 2.07 -11.70 4.37
N ALA A 280 1.00 -11.49 3.61
CA ALA A 280 1.05 -11.27 2.16
C ALA A 280 0.52 -9.89 1.79
N MET A 281 0.97 -9.39 0.64
CA MET A 281 0.31 -8.26 -0.03
C MET A 281 -0.02 -8.70 -1.44
N MET A 282 -1.12 -8.17 -1.99
CA MET A 282 -1.46 -8.48 -3.38
C MET A 282 -1.82 -7.24 -4.17
N TRP A 283 -1.36 -7.24 -5.41
CA TRP A 283 -1.76 -6.30 -6.48
C TRP A 283 -2.61 -7.06 -7.48
N ASP A 284 -3.91 -6.77 -7.64
CA ASP A 284 -4.76 -5.91 -6.82
C ASP A 284 -6.10 -6.62 -6.64
N MET A 285 -7.04 -5.92 -6.03
CA MET A 285 -8.33 -6.55 -5.66
C MET A 285 -9.06 -7.04 -6.92
N SER A 286 -9.10 -6.24 -7.97
CA SER A 286 -9.81 -6.64 -9.21
C SER A 286 -9.22 -7.93 -9.77
N GLN A 287 -7.90 -8.02 -9.79
CA GLN A 287 -7.25 -9.24 -10.31
C GLN A 287 -7.54 -10.44 -9.39
N LEU A 288 -7.47 -10.23 -8.10
CA LEU A 288 -7.67 -11.33 -7.12
C LEU A 288 -9.07 -11.92 -7.30
N TYR A 289 -10.09 -11.08 -7.36
CA TYR A 289 -11.48 -11.57 -7.38
C TYR A 289 -11.81 -12.15 -8.76
N GLN A 290 -11.13 -11.76 -9.81
CA GLN A 290 -11.33 -12.37 -11.15
C GLN A 290 -10.65 -13.73 -11.20
N ASN A 291 -9.54 -13.90 -10.49
CA ASN A 291 -8.71 -15.14 -10.55
C ASN A 291 -9.31 -16.18 -9.61
N THR A 292 -10.35 -16.87 -10.09
CA THR A 292 -11.15 -17.82 -9.28
C THR A 292 -10.23 -18.81 -8.56
N GLY A 293 -10.39 -18.90 -7.25
CA GLY A 293 -9.65 -19.87 -6.43
C GLY A 293 -8.32 -19.35 -5.93
N PHE A 294 -7.83 -18.22 -6.42
CA PHE A 294 -6.46 -17.80 -6.07
C PHE A 294 -6.41 -17.33 -4.62
N GLU A 295 -7.39 -16.57 -4.17
CA GLU A 295 -7.39 -16.11 -2.78
C GLU A 295 -7.34 -17.32 -1.85
N THR A 296 -8.10 -18.35 -2.15
CA THR A 296 -8.08 -19.59 -1.32
C THR A 296 -6.66 -20.17 -1.28
N GLN A 297 -5.96 -20.17 -2.40
CA GLN A 297 -4.57 -20.67 -2.42
C GLN A 297 -3.69 -19.84 -1.47
N VAL A 298 -3.82 -18.52 -1.50
CA VAL A 298 -2.96 -17.66 -0.65
C VAL A 298 -3.34 -17.88 0.83
N VAL A 299 -4.62 -17.86 1.14
CA VAL A 299 -5.06 -18.09 2.54
C VAL A 299 -4.53 -19.44 3.01
N ASN A 300 -4.68 -20.46 2.19
CA ASN A 300 -4.23 -21.80 2.60
C ASN A 300 -2.70 -21.85 2.73
N ALA A 301 -1.96 -21.09 1.94
CA ALA A 301 -0.48 -21.05 2.05
C ALA A 301 -0.06 -20.37 3.35
N LEU A 302 -0.82 -19.39 3.84
CA LEU A 302 -0.43 -18.67 5.08
C LEU A 302 -0.78 -19.46 6.33
N ARG A 303 -1.76 -20.36 6.25
CA ARG A 303 -2.20 -21.15 7.44
C ARG A 303 -1.03 -21.99 7.94
#